data_6UF7
# 
_entry.id   6UF7 
# 
_audit_conform.dict_name       mmcif_pdbx.dic 
_audit_conform.dict_version    5.398 
_audit_conform.dict_location   http://mmcif.pdb.org/dictionaries/ascii/mmcif_pdbx.dic 
# 
loop_
_database_2.database_id 
_database_2.database_code 
_database_2.pdbx_database_accession 
_database_2.pdbx_DOI 
PDB   6UF7         pdb_00006uf7 10.2210/pdb6uf7/pdb 
WWPDB D_1000244516 ?            ?                   
# 
loop_
_pdbx_audit_revision_history.ordinal 
_pdbx_audit_revision_history.data_content_type 
_pdbx_audit_revision_history.major_revision 
_pdbx_audit_revision_history.minor_revision 
_pdbx_audit_revision_history.revision_date 
1 'Structure model' 1 0 2020-12-02 
2 'Structure model' 1 1 2024-11-06 
# 
_pdbx_audit_revision_details.ordinal             1 
_pdbx_audit_revision_details.revision_ordinal    1 
_pdbx_audit_revision_details.data_content_type   'Structure model' 
_pdbx_audit_revision_details.provider            repository 
_pdbx_audit_revision_details.type                'Initial release' 
_pdbx_audit_revision_details.description         ? 
_pdbx_audit_revision_details.details             ? 
# 
loop_
_pdbx_audit_revision_group.ordinal 
_pdbx_audit_revision_group.revision_ordinal 
_pdbx_audit_revision_group.data_content_type 
_pdbx_audit_revision_group.group 
1 2 'Structure model' 'Data collection'     
2 2 'Structure model' 'Database references' 
3 2 'Structure model' 'Structure summary'   
# 
loop_
_pdbx_audit_revision_category.ordinal 
_pdbx_audit_revision_category.revision_ordinal 
_pdbx_audit_revision_category.data_content_type 
_pdbx_audit_revision_category.category 
1 2 'Structure model' chem_comp_atom            
2 2 'Structure model' chem_comp_bond            
3 2 'Structure model' database_2                
4 2 'Structure model' pdbx_entry_details        
5 2 'Structure model' pdbx_modification_feature 
# 
loop_
_pdbx_audit_revision_item.ordinal 
_pdbx_audit_revision_item.revision_ordinal 
_pdbx_audit_revision_item.data_content_type 
_pdbx_audit_revision_item.item 
1 2 'Structure model' '_database_2.pdbx_DOI'                         
2 2 'Structure model' '_database_2.pdbx_database_accession'          
3 2 'Structure model' '_pdbx_entry_details.has_protein_modification' 
# 
_pdbx_database_status.status_code                     REL 
_pdbx_database_status.status_code_sf                  REL 
_pdbx_database_status.status_code_mr                  ? 
_pdbx_database_status.entry_id                        6UF7 
_pdbx_database_status.recvd_initial_deposition_date   2019-09-23 
_pdbx_database_status.SG_entry                        N 
_pdbx_database_status.deposit_site                    RCSB 
_pdbx_database_status.process_site                    RCSB 
_pdbx_database_status.status_code_cs                  ? 
_pdbx_database_status.methods_development_category    ? 
_pdbx_database_status.pdb_format_compatible           Y 
_pdbx_database_status.status_code_nmr_data            ? 
# 
loop_
_audit_author.name 
_audit_author.pdbx_ordinal 
_audit_author.identifier_ORCID 
'Mulligan, V.K.'  1 0000-0001-6038-8922 
'Kang, C.S.'      2 0000-0003-0959-0783 
'Antselovich, I.' 3 0000-0002-2208-9937 
'Sawaya, M.R.'    4 0000-0003-0874-9043 
'Yeates, T.O.'    5 0000-0001-5709-9839 
'Baker, D.'       6 0000-0001-7896-6217 
# 
_citation.abstract                  ? 
_citation.abstract_id_CAS           ? 
_citation.book_id_ISBN              ? 
_citation.book_publisher            ? 
_citation.book_publisher_city       ? 
_citation.book_title                ? 
_citation.coordinate_linkage        ? 
_citation.country                   US 
_citation.database_id_Medline       ? 
_citation.details                   ? 
_citation.id                        primary 
_citation.journal_abbrev            'Protein Sci.' 
_citation.journal_id_ASTM           PRCIEI 
_citation.journal_id_CSD            0795 
_citation.journal_id_ISSN           1469-896X 
_citation.journal_full              ? 
_citation.journal_issue             ? 
_citation.journal_volume            29 
_citation.language                  ? 
_citation.page_first                2433 
_citation.page_last                 2445 
_citation.title                     'Computational design of mixed chirality peptide macrocycles with internal symmetry.' 
_citation.year                      2020 
_citation.database_id_CSD           ? 
_citation.pdbx_database_id_DOI      10.1002/pro.3974 
_citation.pdbx_database_id_PubMed   33058266 
_citation.unpublished_flag          ? 
# 
loop_
_citation_author.citation_id 
_citation_author.name 
_citation_author.ordinal 
_citation_author.identifier_ORCID 
primary 'Mulligan, V.K.'  1  0000-0001-6038-8922 
primary 'Kang, C.S.'      2  0000-0003-0959-0783 
primary 'Sawaya, M.R.'    3  ?                   
primary 'Rettie, S.'      4  ?                   
primary 'Li, X.'          5  ?                   
primary 'Antselovich, I.' 6  ?                   
primary 'Craven, T.W.'    7  ?                   
primary 'Watkins, A.M.'   8  ?                   
primary 'Labonte, J.W.'   9  ?                   
primary 'DiMaio, F.'      10 ?                   
primary 'Yeates, T.O.'    11 0000-0001-5709-9839 
primary 'Baker, D.'       12 ?                   
# 
loop_
_entity.id 
_entity.type 
_entity.src_method 
_entity.pdbx_description 
_entity.formula_weight 
_entity.pdbx_number_of_molecules 
_entity.pdbx_ec 
_entity.pdbx_mutation 
_entity.pdbx_fragment 
_entity.details 
1 polymer syn 'S2-5, Uncle Fester' 1185.331 1 ? ? ? 
'The asymmetric unit contains half of the molecule. The second half is generated by a crystallographic symmetry operator.' 
2 water   nat water                18.015   3 ? ? ? ? 
# 
_entity_poly.entity_id                      1 
_entity_poly.type                           'polypeptide(D)' 
_entity_poly.nstd_linkage                   no 
_entity_poly.nstd_monomer                   yes 
_entity_poly.pdbx_seq_one_letter_code       '(DPR)SE(DIL)RP(DSN)(DGL)I(DAR)' 
_entity_poly.pdbx_seq_one_letter_code_can   PSEIRPSEIR 
_entity_poly.pdbx_strand_id                 A 
_entity_poly.pdbx_target_identifier         ? 
# 
_pdbx_entity_nonpoly.entity_id   2 
_pdbx_entity_nonpoly.name        water 
_pdbx_entity_nonpoly.comp_id     HOH 
# 
loop_
_entity_poly_seq.entity_id 
_entity_poly_seq.num 
_entity_poly_seq.mon_id 
_entity_poly_seq.hetero 
1 1  DPR n 
1 2  SER n 
1 3  GLU n 
1 4  DIL n 
1 5  ARG n 
1 6  PRO n 
1 7  DSN n 
1 8  DGL n 
1 9  ILE n 
1 10 DAR n 
# 
_pdbx_entity_src_syn.entity_id              1 
_pdbx_entity_src_syn.pdbx_src_id            1 
_pdbx_entity_src_syn.pdbx_alt_source_flag   sample 
_pdbx_entity_src_syn.pdbx_beg_seq_num       1 
_pdbx_entity_src_syn.pdbx_end_seq_num       10 
_pdbx_entity_src_syn.organism_scientific    'synthetic construct' 
_pdbx_entity_src_syn.organism_common_name   ? 
_pdbx_entity_src_syn.ncbi_taxonomy_id       32630 
_pdbx_entity_src_syn.details                'ab initio design' 
# 
loop_
_chem_comp.id 
_chem_comp.type 
_chem_comp.mon_nstd_flag 
_chem_comp.name 
_chem_comp.pdbx_synonyms 
_chem_comp.formula 
_chem_comp.formula_weight 
ARG 'L-peptide linking' y ARGININE          ? 'C6 H15 N4 O2 1' 175.209 
DAR 'D-peptide linking' . D-ARGININE        ? 'C6 H15 N4 O2 1' 175.209 
DGL 'D-peptide linking' . 'D-GLUTAMIC ACID' ? 'C5 H9 N O4'     147.129 
DIL 'D-peptide linking' . D-ISOLEUCINE      ? 'C6 H13 N O2'    131.173 
DPR 'D-peptide linking' . D-PROLINE         ? 'C5 H9 N O2'     115.130 
DSN 'D-peptide linking' . D-SERINE          ? 'C3 H7 N O3'     105.093 
GLU 'L-peptide linking' y 'GLUTAMIC ACID'   ? 'C5 H9 N O4'     147.129 
HOH non-polymer         . WATER             ? 'H2 O'           18.015  
ILE 'L-peptide linking' y ISOLEUCINE        ? 'C6 H13 N O2'    131.173 
PRO 'L-peptide linking' y PROLINE           ? 'C5 H9 N O2'     115.130 
SER 'L-peptide linking' y SERINE            ? 'C3 H7 N O3'     105.093 
# 
loop_
_pdbx_poly_seq_scheme.asym_id 
_pdbx_poly_seq_scheme.entity_id 
_pdbx_poly_seq_scheme.seq_id 
_pdbx_poly_seq_scheme.mon_id 
_pdbx_poly_seq_scheme.ndb_seq_num 
_pdbx_poly_seq_scheme.pdb_seq_num 
_pdbx_poly_seq_scheme.auth_seq_num 
_pdbx_poly_seq_scheme.pdb_mon_id 
_pdbx_poly_seq_scheme.auth_mon_id 
_pdbx_poly_seq_scheme.pdb_strand_id 
_pdbx_poly_seq_scheme.pdb_ins_code 
_pdbx_poly_seq_scheme.hetero 
A 1 1  DPR 1  -4 ? ?   ?   A . n 
A 1 2  SER 2  -3 ? ?   ?   A . n 
A 1 3  GLU 3  -2 ? ?   ?   A . n 
A 1 4  DIL 4  -1 ? ?   ?   A . n 
A 1 5  ARG 5  0  ? ?   ?   A . n 
A 1 6  PRO 6  1  1 PRO PRO A . n 
A 1 7  DSN 7  2  2 DSN DSN A . n 
A 1 8  DGL 8  3  3 DGL DGL A . n 
A 1 9  ILE 9  4  4 ILE ILE A . n 
A 1 10 DAR 10 5  5 DAR DAR A . n 
# 
loop_
_pdbx_nonpoly_scheme.asym_id 
_pdbx_nonpoly_scheme.entity_id 
_pdbx_nonpoly_scheme.mon_id 
_pdbx_nonpoly_scheme.ndb_seq_num 
_pdbx_nonpoly_scheme.pdb_seq_num 
_pdbx_nonpoly_scheme.auth_seq_num 
_pdbx_nonpoly_scheme.pdb_mon_id 
_pdbx_nonpoly_scheme.auth_mon_id 
_pdbx_nonpoly_scheme.pdb_strand_id 
_pdbx_nonpoly_scheme.pdb_ins_code 
B 2 HOH 1 101 102 HOH HOH A . 
B 2 HOH 2 102 101 HOH HOH A . 
B 2 HOH 3 103 103 HOH HOH A . 
# 
loop_
_software.citation_id 
_software.classification 
_software.compiler_name 
_software.compiler_version 
_software.contact_author 
_software.contact_author_email 
_software.date 
_software.description 
_software.dependencies 
_software.hardware 
_software.language 
_software.location 
_software.mods 
_software.name 
_software.os 
_software.os_version 
_software.type 
_software.version 
_software.pdbx_ordinal 
? 'data reduction'  ? ? ? ? ? ? ? ? ? ? ? XDS         ? ? ? 20180126  1 
? 'data scaling'    ? ? ? ? ? ? ? ? ? ? ? XSCALE      ? ? ? 20180126  2 
? refinement        ? ? ? ? ? ? ? ? ? ? ? PHENIX      ? ? ? 1.16_3549 3 
? 'data extraction' ? ? ? ? ? ? ? ? ? ? ? PDB_EXTRACT ? ? ? 3.25      4 
? phasing           ? ? ? ? ? ? ? ? ? ? ? SHELXT      ? ? ? .         5 
# 
_cell.angle_alpha                  90.000 
_cell.angle_alpha_esd              ? 
_cell.angle_beta                   114.903 
_cell.angle_beta_esd               ? 
_cell.angle_gamma                  90.000 
_cell.angle_gamma_esd              ? 
_cell.entry_id                     6UF7 
_cell.details                      ? 
_cell.formula_units_Z              ? 
_cell.length_a                     12.200 
_cell.length_a_esd                 ? 
_cell.length_b                     10.980 
_cell.length_b_esd                 ? 
_cell.length_c                     25.540 
_cell.length_c_esd                 ? 
_cell.volume                       3103.136 
_cell.volume_esd                   ? 
_cell.Z_PDB                        4 
_cell.reciprocal_angle_alpha       ? 
_cell.reciprocal_angle_beta        ? 
_cell.reciprocal_angle_gamma       ? 
_cell.reciprocal_angle_alpha_esd   ? 
_cell.reciprocal_angle_beta_esd    ? 
_cell.reciprocal_angle_gamma_esd   ? 
_cell.reciprocal_length_a          ? 
_cell.reciprocal_length_b          ? 
_cell.reciprocal_length_c          ? 
_cell.reciprocal_length_a_esd      ? 
_cell.reciprocal_length_b_esd      ? 
_cell.reciprocal_length_c_esd      ? 
_cell.pdbx_unique_axis             ? 
# 
_symmetry.entry_id                         6UF7 
_symmetry.cell_setting                     ? 
_symmetry.Int_Tables_number                14 
_symmetry.space_group_name_Hall            '-P 2ybc' 
_symmetry.space_group_name_H-M             'P 1 21/c 1' 
_symmetry.pdbx_full_space_group_name_H-M   ? 
# 
_exptl.absorpt_coefficient_mu     ? 
_exptl.absorpt_correction_T_max   ? 
_exptl.absorpt_correction_T_min   ? 
_exptl.absorpt_correction_type    ? 
_exptl.absorpt_process_details    ? 
_exptl.entry_id                   6UF7 
_exptl.crystals_number            1 
_exptl.details                    ? 
_exptl.method                     'X-RAY DIFFRACTION' 
_exptl.method_details             ? 
# 
_exptl_crystal.colour                      ? 
_exptl_crystal.density_diffrn              ? 
_exptl_crystal.density_Matthews            ? 
_exptl_crystal.density_method              ? 
_exptl_crystal.density_percent_sol         ? 
_exptl_crystal.description                 ? 
_exptl_crystal.F_000                       ? 
_exptl_crystal.id                          1 
_exptl_crystal.preparation                 ? 
_exptl_crystal.size_max                    ? 
_exptl_crystal.size_mid                    ? 
_exptl_crystal.size_min                    ? 
_exptl_crystal.size_rad                    ? 
_exptl_crystal.colour_lustre               ? 
_exptl_crystal.colour_modifier             ? 
_exptl_crystal.colour_primary              ? 
_exptl_crystal.density_meas                ? 
_exptl_crystal.density_meas_esd            ? 
_exptl_crystal.density_meas_gt             ? 
_exptl_crystal.density_meas_lt             ? 
_exptl_crystal.density_meas_temp           ? 
_exptl_crystal.density_meas_temp_esd       ? 
_exptl_crystal.density_meas_temp_gt        ? 
_exptl_crystal.density_meas_temp_lt        ? 
_exptl_crystal.pdbx_crystal_image_url      ? 
_exptl_crystal.pdbx_crystal_image_format   ? 
_exptl_crystal.pdbx_mosaicity              ? 
_exptl_crystal.pdbx_mosaicity_esd          ? 
# 
_exptl_crystal_grow.apparatus       ? 
_exptl_crystal_grow.atmosphere      ? 
_exptl_crystal_grow.crystal_id      1 
_exptl_crystal_grow.details         ? 
_exptl_crystal_grow.method          'VAPOR DIFFUSION, HANGING DROP' 
_exptl_crystal_grow.method_ref      ? 
_exptl_crystal_grow.pH              ? 
_exptl_crystal_grow.pressure        ? 
_exptl_crystal_grow.pressure_esd    ? 
_exptl_crystal_grow.seeding         ? 
_exptl_crystal_grow.seeding_ref     ? 
_exptl_crystal_grow.temp            298 
_exptl_crystal_grow.temp_details    ? 
_exptl_crystal_grow.temp_esd        ? 
_exptl_crystal_grow.time            ? 
_exptl_crystal_grow.pdbx_details    '0.17 M ammonium sulfate, 25.5% (w/v) PEG 4000, 15% (v/v) glycerol' 
_exptl_crystal_grow.pdbx_pH_range   ? 
# 
_diffrn.ambient_environment              ? 
_diffrn.ambient_temp                     100 
_diffrn.ambient_temp_details             ? 
_diffrn.ambient_temp_esd                 ? 
_diffrn.crystal_id                       1 
_diffrn.crystal_support                  ? 
_diffrn.crystal_treatment                ? 
_diffrn.details                          ? 
_diffrn.id                               1 
_diffrn.ambient_pressure                 ? 
_diffrn.ambient_pressure_esd             ? 
_diffrn.ambient_pressure_gt              ? 
_diffrn.ambient_pressure_lt              ? 
_diffrn.ambient_temp_gt                  ? 
_diffrn.ambient_temp_lt                  ? 
_diffrn.pdbx_serial_crystal_experiment   N 
# 
_diffrn_detector.details                      ? 
_diffrn_detector.detector                     PIXEL 
_diffrn_detector.diffrn_id                    1 
_diffrn_detector.type                         'DECTRIS PILATUS 6M-F' 
_diffrn_detector.area_resol_mean              ? 
_diffrn_detector.dtime                        ? 
_diffrn_detector.pdbx_frames_total            ? 
_diffrn_detector.pdbx_collection_time_total   ? 
_diffrn_detector.pdbx_collection_date         2018-03-22 
_diffrn_detector.pdbx_frequency               ? 
# 
_diffrn_radiation.collimation                      ? 
_diffrn_radiation.diffrn_id                        1 
_diffrn_radiation.filter_edge                      ? 
_diffrn_radiation.inhomogeneity                    ? 
_diffrn_radiation.monochromator                    'Si (111)' 
_diffrn_radiation.polarisn_norm                    ? 
_diffrn_radiation.polarisn_ratio                   ? 
_diffrn_radiation.probe                            ? 
_diffrn_radiation.type                             ? 
_diffrn_radiation.xray_symbol                      ? 
_diffrn_radiation.wavelength_id                    1 
_diffrn_radiation.pdbx_monochromatic_or_laue_m_l   M 
_diffrn_radiation.pdbx_wavelength_list             ? 
_diffrn_radiation.pdbx_wavelength                  ? 
_diffrn_radiation.pdbx_diffrn_protocol             'SINGLE WAVELENGTH' 
_diffrn_radiation.pdbx_analyzer                    ? 
_diffrn_radiation.pdbx_scattering_type             x-ray 
# 
_diffrn_radiation_wavelength.id           1 
_diffrn_radiation_wavelength.wavelength   0.7293 
_diffrn_radiation_wavelength.wt           1.0 
# 
_diffrn_source.current                     ? 
_diffrn_source.details                     ? 
_diffrn_source.diffrn_id                   1 
_diffrn_source.power                       ? 
_diffrn_source.size                        ? 
_diffrn_source.source                      SYNCHROTRON 
_diffrn_source.target                      ? 
_diffrn_source.type                        'APS BEAMLINE 24-ID-C' 
_diffrn_source.voltage                     ? 
_diffrn_source.take-off_angle              ? 
_diffrn_source.pdbx_wavelength_list        0.7293 
_diffrn_source.pdbx_wavelength             ? 
_diffrn_source.pdbx_synchrotron_beamline   24-ID-C 
_diffrn_source.pdbx_synchrotron_site       APS 
# 
_reflns.B_iso_Wilson_estimate            4.617 
_reflns.entry_id                         6UF7 
_reflns.data_reduction_details           ? 
_reflns.data_reduction_method            ? 
_reflns.d_resolution_high                0.800 
_reflns.d_resolution_low                 11.583 
_reflns.details                          ? 
_reflns.limit_h_max                      ? 
_reflns.limit_h_min                      ? 
_reflns.limit_k_max                      ? 
_reflns.limit_k_min                      ? 
_reflns.limit_l_max                      ? 
_reflns.limit_l_min                      ? 
_reflns.number_all                       ? 
_reflns.number_obs                       6184 
_reflns.observed_criterion               ? 
_reflns.observed_criterion_F_max         ? 
_reflns.observed_criterion_F_min         ? 
_reflns.observed_criterion_I_max         ? 
_reflns.observed_criterion_I_min         ? 
_reflns.observed_criterion_sigma_F       ? 
_reflns.observed_criterion_sigma_I       ? 
_reflns.percent_possible_obs             97.100 
_reflns.R_free_details                   ? 
_reflns.Rmerge_F_all                     ? 
_reflns.Rmerge_F_obs                     ? 
_reflns.Friedel_coverage                 ? 
_reflns.number_gt                        ? 
_reflns.threshold_expression             ? 
_reflns.pdbx_redundancy                  6.460 
_reflns.pdbx_Rmerge_I_obs                0.079 
_reflns.pdbx_Rmerge_I_all                ? 
_reflns.pdbx_Rsym_value                  ? 
_reflns.pdbx_netI_over_av_sigmaI         ? 
_reflns.pdbx_netI_over_sigmaI            19.010 
_reflns.pdbx_res_netI_over_av_sigmaI_2   ? 
_reflns.pdbx_res_netI_over_sigmaI_2      ? 
_reflns.pdbx_chi_squared                 1.026 
_reflns.pdbx_scaling_rejects             ? 
_reflns.pdbx_d_res_high_opt              ? 
_reflns.pdbx_d_res_low_opt               ? 
_reflns.pdbx_d_res_opt_method            ? 
_reflns.phase_calculation_details        ? 
_reflns.pdbx_Rrim_I_all                  0.086 
_reflns.pdbx_Rpim_I_all                  ? 
_reflns.pdbx_d_opt                       ? 
_reflns.pdbx_number_measured_all         ? 
_reflns.pdbx_diffrn_id                   1 
_reflns.pdbx_ordinal                     1 
_reflns.pdbx_CC_half                     0.992 
_reflns.pdbx_R_split                     ? 
# 
loop_
_reflns_shell.d_res_high 
_reflns_shell.d_res_low 
_reflns_shell.meanI_over_sigI_all 
_reflns_shell.meanI_over_sigI_obs 
_reflns_shell.number_measured_all 
_reflns_shell.number_measured_obs 
_reflns_shell.number_possible 
_reflns_shell.number_unique_all 
_reflns_shell.number_unique_obs 
_reflns_shell.percent_possible_all 
_reflns_shell.percent_possible_obs 
_reflns_shell.Rmerge_F_all 
_reflns_shell.Rmerge_F_obs 
_reflns_shell.Rmerge_I_all 
_reflns_shell.Rmerge_I_obs 
_reflns_shell.meanI_over_sigI_gt 
_reflns_shell.meanI_over_uI_all 
_reflns_shell.meanI_over_uI_gt 
_reflns_shell.number_measured_gt 
_reflns_shell.number_unique_gt 
_reflns_shell.percent_possible_gt 
_reflns_shell.Rmerge_F_gt 
_reflns_shell.Rmerge_I_gt 
_reflns_shell.pdbx_redundancy 
_reflns_shell.pdbx_Rsym_value 
_reflns_shell.pdbx_chi_squared 
_reflns_shell.pdbx_netI_over_sigmaI_all 
_reflns_shell.pdbx_netI_over_sigmaI_obs 
_reflns_shell.pdbx_Rrim_I_all 
_reflns_shell.pdbx_Rpim_I_all 
_reflns_shell.pdbx_rejects 
_reflns_shell.pdbx_ordinal 
_reflns_shell.pdbx_diffrn_id 
_reflns_shell.pdbx_CC_half 
_reflns_shell.pdbx_R_split 
0.800 0.820  ? 16.070 ? ? ? ? 456 93.600  ? ? ? ? 0.085 ? ? ? ? ? ? ? ? 6.298 ? ? ? ? 0.092 ? ? 1  1 0.995 ? 
0.820 0.840  ? 15.960 ? ? ? ? 409 91.300  ? ? ? ? 0.083 ? ? ? ? ? ? ? ? 6.267 ? ? ? ? 0.091 ? ? 2  1 0.995 ? 
0.840 0.870  ? 16.340 ? ? ? ? 449 98.700  ? ? ? ? 0.083 ? ? ? ? ? ? ? ? 6.107 ? ? ? ? 0.091 ? ? 3  1 0.990 ? 
0.870 0.890  ? 17.730 ? ? ? ? 409 97.100  ? ? ? ? 0.078 ? ? ? ? ? ? ? ? 6.572 ? ? ? ? 0.084 ? ? 4  1 0.998 ? 
0.890 0.920  ? 17.790 ? ? ? ? 411 96.000  ? ? ? ? 0.082 ? ? ? ? ? ? ? ? 6.470 ? ? ? ? 0.089 ? ? 5  1 0.996 ? 
0.920 0.960  ? 17.900 ? ? ? ? 403 98.500  ? ? ? ? 0.082 ? ? ? ? ? ? ? ? 6.290 ? ? ? ? 0.090 ? ? 6  1 0.989 ? 
0.960 0.990  ? 18.910 ? ? ? ? 384 97.200  ? ? ? ? 0.073 ? ? ? ? ? ? ? ? 6.135 ? ? ? ? 0.080 ? ? 7  1 0.996 ? 
0.990 1.030  ? 19.280 ? ? ? ? 365 96.600  ? ? ? ? 0.084 ? ? ? ? ? ? ? ? 6.756 ? ? ? ? 0.090 ? ? 8  1 0.995 ? 
1.030 1.080  ? 19.820 ? ? ? ? 353 100.00  ? ? ? ? 0.079 ? ? ? ? ? ? ? ? 6.572 ? ? ? ? 0.085 ? ? 9  1 0.995 ? 
1.080 1.130  ? 19.930 ? ? ? ? 323 96.700  ? ? ? ? 0.076 ? ? ? ? ? ? ? ? 6.567 ? ? ? ? 0.083 ? ? 10 1 0.991 ? 
1.130 1.190  ? 19.650 ? ? ? ? 332 97.100  ? ? ? ? 0.073 ? ? ? ? ? ? ? ? 6.060 ? ? ? ? 0.081 ? ? 11 1 0.993 ? 
1.190 1.270  ? 20.860 ? ? ? ? 309 97.800  ? ? ? ? 0.078 ? ? ? ? ? ? ? ? 6.932 ? ? ? ? 0.085 ? ? 12 1 0.995 ? 
1.270 1.350  ? 20.690 ? ? ? ? 292 99.300  ? ? ? ? 0.076 ? ? ? ? ? ? ? ? 6.678 ? ? ? ? 0.083 ? ? 13 1 0.992 ? 
1.350 1.460  ? 20.400 ? ? ? ? 258 100.00  ? ? ? ? 0.070 ? ? ? ? ? ? ? ? 6.643 ? ? ? ? 0.077 ? ? 14 1 0.995 ? 
1.460 1.600  ? 20.860 ? ? ? ? 246 95.700  ? ? ? ? 0.073 ? ? ? ? ? ? ? ? 6.484 ? ? ? ? 0.080 ? ? 15 1 0.991 ? 
1.600 1.790  ? 21.990 ? ? ? ? 226 97.000  ? ? ? ? 0.079 ? ? ? ? ? ? ? ? 6.611 ? ? ? ? 0.086 ? ? 16 1 0.993 ? 
1.790 2.070  ? 22.450 ? ? ? ? 198 100.000 ? ? ? ? 0.077 ? ? ? ? ? ? ? ? 6.939 ? ? ? ? 0.084 ? ? 17 1 0.994 ? 
2.070 2.530  ? 22.670 ? ? ? ? 163 99.400  ? ? ? ? 0.078 ? ? ? ? ? ? ? ? 6.804 ? ? ? ? 0.085 ? ? 18 1 0.992 ? 
2.530 3.580  ? 21.580 ? ? ? ? 130 97.000  ? ? ? ? 0.078 ? ? ? ? ? ? ? ? 6.069 ? ? ? ? 0.086 ? ? 19 1 0.992 ? 
3.580 11.583 ? 22.680 ? ? ? ? 68  97.100  ? ? ? ? 0.093 ? ? ? ? ? ? ? ? 6.574 ? ? ? ? 0.101 ? ? 20 1 0.979 ? 
# 
_refine.aniso_B[1][1]                            ? 
_refine.aniso_B[1][2]                            ? 
_refine.aniso_B[1][3]                            ? 
_refine.aniso_B[2][2]                            ? 
_refine.aniso_B[2][3]                            ? 
_refine.aniso_B[3][3]                            ? 
_refine.B_iso_max                                ? 
_refine.B_iso_mean                               1.70 
_refine.B_iso_min                                ? 
_refine.correlation_coeff_Fo_to_Fc               ? 
_refine.correlation_coeff_Fo_to_Fc_free          ? 
_refine.details                                  ? 
_refine.diff_density_max                         ? 
_refine.diff_density_max_esd                     ? 
_refine.diff_density_min                         ? 
_refine.diff_density_min_esd                     ? 
_refine.diff_density_rms                         ? 
_refine.diff_density_rms_esd                     ? 
_refine.entry_id                                 6UF7 
_refine.pdbx_refine_id                           'X-RAY DIFFRACTION' 
_refine.ls_abs_structure_details                 ? 
_refine.ls_abs_structure_Flack                   ? 
_refine.ls_abs_structure_Flack_esd               ? 
_refine.ls_abs_structure_Rogers                  ? 
_refine.ls_abs_structure_Rogers_esd              ? 
_refine.ls_d_res_high                            0.80 
_refine.ls_d_res_low                             11.58 
_refine.ls_extinction_coef                       ? 
_refine.ls_extinction_coef_esd                   ? 
_refine.ls_extinction_expression                 ? 
_refine.ls_extinction_method                     ? 
_refine.ls_goodness_of_fit_all                   ? 
_refine.ls_goodness_of_fit_all_esd               ? 
_refine.ls_goodness_of_fit_obs                   ? 
_refine.ls_goodness_of_fit_obs_esd               ? 
_refine.ls_hydrogen_treatment                    ? 
_refine.ls_matrix_type                           ? 
_refine.ls_number_constraints                    ? 
_refine.ls_number_parameters                     ? 
_refine.ls_number_reflns_all                     ? 
_refine.ls_number_reflns_obs                     6183 
_refine.ls_number_reflns_R_free                  619 
_refine.ls_number_reflns_R_work                  ? 
_refine.ls_number_restraints                     ? 
_refine.ls_percent_reflns_obs                    97.32 
_refine.ls_percent_reflns_R_free                 10.01 
_refine.ls_R_factor_all                          ? 
_refine.ls_R_factor_obs                          0.0504 
_refine.ls_R_factor_R_free                       0.0518 
_refine.ls_R_factor_R_free_error                 ? 
_refine.ls_R_factor_R_free_error_details         ? 
_refine.ls_R_factor_R_work                       0.0503 
_refine.ls_R_Fsqd_factor_obs                     ? 
_refine.ls_R_I_factor_obs                        ? 
_refine.ls_redundancy_reflns_all                 ? 
_refine.ls_redundancy_reflns_obs                 ? 
_refine.ls_restrained_S_all                      ? 
_refine.ls_restrained_S_obs                      ? 
_refine.ls_shift_over_esd_max                    ? 
_refine.ls_shift_over_esd_mean                   ? 
_refine.ls_structure_factor_coef                 ? 
_refine.ls_weighting_details                     ? 
_refine.ls_weighting_scheme                      ? 
_refine.ls_wR_factor_all                         ? 
_refine.ls_wR_factor_obs                         ? 
_refine.ls_wR_factor_R_free                      ? 
_refine.ls_wR_factor_R_work                      ? 
_refine.occupancy_max                            ? 
_refine.occupancy_min                            ? 
_refine.solvent_model_details                    ? 
_refine.solvent_model_param_bsol                 ? 
_refine.solvent_model_param_ksol                 ? 
_refine.ls_R_factor_gt                           ? 
_refine.ls_goodness_of_fit_gt                    ? 
_refine.ls_goodness_of_fit_ref                   ? 
_refine.ls_shift_over_su_max                     ? 
_refine.ls_shift_over_su_max_lt                  ? 
_refine.ls_shift_over_su_mean                    ? 
_refine.ls_shift_over_su_mean_lt                 ? 
_refine.pdbx_ls_sigma_I                          ? 
_refine.pdbx_ls_sigma_F                          1.47 
_refine.pdbx_ls_sigma_Fsqd                       ? 
_refine.pdbx_data_cutoff_high_absF               ? 
_refine.pdbx_data_cutoff_high_rms_absF           ? 
_refine.pdbx_data_cutoff_low_absF                ? 
_refine.pdbx_isotropic_thermal_model             ? 
_refine.pdbx_ls_cross_valid_method               'FREE R-VALUE' 
_refine.pdbx_method_to_determine_struct          'AB INITIO PHASING' 
_refine.pdbx_starting_model                      ? 
_refine.pdbx_stereochemistry_target_values       ? 
_refine.pdbx_R_Free_selection_details            ? 
_refine.pdbx_stereochem_target_val_spec_case     ? 
_refine.pdbx_overall_ESU_R                       ? 
_refine.pdbx_overall_ESU_R_Free                  ? 
_refine.pdbx_solvent_vdw_probe_radii             1.1100 
_refine.pdbx_solvent_ion_probe_radii             ? 
_refine.pdbx_solvent_shrinkage_radii             0.9000 
_refine.pdbx_real_space_R                        ? 
_refine.pdbx_density_correlation                 ? 
_refine.pdbx_pd_number_of_powder_patterns        ? 
_refine.pdbx_pd_number_of_points                 ? 
_refine.pdbx_pd_meas_number_of_points            ? 
_refine.pdbx_pd_proc_ls_prof_R_factor            ? 
_refine.pdbx_pd_proc_ls_prof_wR_factor           ? 
_refine.pdbx_pd_Marquardt_correlation_coeff      ? 
_refine.pdbx_pd_Fsqrd_R_factor                   ? 
_refine.pdbx_pd_ls_matrix_band_width             ? 
_refine.pdbx_overall_phase_error                 3.0849 
_refine.pdbx_overall_SU_R_free_Cruickshank_DPI   ? 
_refine.pdbx_overall_SU_R_free_Blow_DPI          ? 
_refine.pdbx_overall_SU_R_Blow_DPI               ? 
_refine.pdbx_TLS_residual_ADP_flag               ? 
_refine.pdbx_diffrn_id                           1 
_refine.overall_SU_B                             ? 
_refine.overall_SU_ML                            -0.0000 
_refine.overall_SU_R_Cruickshank_DPI             ? 
_refine.overall_SU_R_free                        ? 
_refine.overall_FOM_free_R_set                   ? 
_refine.overall_FOM_work_R_set                   ? 
_refine.pdbx_average_fsc_overall                 ? 
_refine.pdbx_average_fsc_work                    ? 
_refine.pdbx_average_fsc_free                    ? 
# 
_refine_hist.pdbx_refine_id                   'X-RAY DIFFRACTION' 
_refine_hist.cycle_id                         LAST 
_refine_hist.details                          ? 
_refine_hist.d_res_high                       0.80 
_refine_hist.d_res_low                        11.58 
_refine_hist.number_atoms_solvent             3 
_refine_hist.number_atoms_total               44 
_refine_hist.number_reflns_all                ? 
_refine_hist.number_reflns_obs                ? 
_refine_hist.number_reflns_R_free             ? 
_refine_hist.number_reflns_R_work             ? 
_refine_hist.R_factor_all                     ? 
_refine_hist.R_factor_obs                     ? 
_refine_hist.R_factor_R_free                  ? 
_refine_hist.R_factor_R_work                  ? 
_refine_hist.pdbx_number_residues_total       ? 
_refine_hist.pdbx_B_iso_mean_ligand           ? 
_refine_hist.pdbx_B_iso_mean_solvent          ? 
_refine_hist.pdbx_number_atoms_protein        41 
_refine_hist.pdbx_number_atoms_nucleic_acid   0 
_refine_hist.pdbx_number_atoms_ligand         0 
_refine_hist.pdbx_number_atoms_lipid          ? 
_refine_hist.pdbx_number_atoms_carb           ? 
_refine_hist.pdbx_pseudo_atom_details         ? 
# 
loop_
_refine_ls_restr.pdbx_refine_id 
_refine_ls_restr.criterion 
_refine_ls_restr.dev_ideal 
_refine_ls_restr.dev_ideal_target 
_refine_ls_restr.number 
_refine_ls_restr.rejects 
_refine_ls_restr.type 
_refine_ls_restr.weight 
_refine_ls_restr.pdbx_restraint_function 
'X-RAY DIFFRACTION' ? 0.0103  ? 41 ? f_bond_d           ? ? 
'X-RAY DIFFRACTION' ? 1.7029  ? 53 ? f_angle_d          ? ? 
'X-RAY DIFFRACTION' ? 0.0917  ? 6  ? f_chiral_restr     ? ? 
'X-RAY DIFFRACTION' ? 0.0067  ? 6  ? f_plane_restr      ? ? 
'X-RAY DIFFRACTION' ? 45.4574 ? 18 ? f_dihedral_angle_d ? ? 
# 
loop_
_refine_ls_shell.pdbx_refine_id 
_refine_ls_shell.d_res_high 
_refine_ls_shell.d_res_low 
_refine_ls_shell.number_reflns_all 
_refine_ls_shell.number_reflns_obs 
_refine_ls_shell.number_reflns_R_free 
_refine_ls_shell.number_reflns_R_work 
_refine_ls_shell.percent_reflns_obs 
_refine_ls_shell.percent_reflns_R_free 
_refine_ls_shell.R_factor_all 
_refine_ls_shell.R_factor_obs 
_refine_ls_shell.R_factor_R_free 
_refine_ls_shell.R_factor_R_free_error 
_refine_ls_shell.R_factor_R_work 
_refine_ls_shell.redundancy_reflns_all 
_refine_ls_shell.redundancy_reflns_obs 
_refine_ls_shell.wR_factor_all 
_refine_ls_shell.wR_factor_obs 
_refine_ls_shell.wR_factor_R_free 
_refine_ls_shell.wR_factor_R_work 
_refine_ls_shell.pdbx_total_number_of_bins_used 
_refine_ls_shell.pdbx_phase_error 
_refine_ls_shell.pdbx_fsc_work 
_refine_ls_shell.pdbx_fsc_free 
'X-RAY DIFFRACTION' 0.80 0.88  . . 151 1352 95.37 . . . 0.0580 . 0.0611 . . . . . . . . . . 
'X-RAY DIFFRACTION' 0.88 1.01  . . 155 1402 97.01 . . . 0.0526 . 0.0534 . . . . . . . . . . 
'X-RAY DIFFRACTION' 1.01 1.27  . . 156 1406 98.36 . . . 0.0449 . 0.0461 . . . . . . . . . . 
'X-RAY DIFFRACTION' 1.27 11.58 . . 157 1404 98.61 . . . 0.0537 . 0.0483 . . . . . . . . . . 
# 
_struct.entry_id                     6UF7 
_struct.title                        'S2 symmetric peptide design number 5, Uncle Fester' 
_struct.pdbx_model_details           'S2 symmetric cyclic peptide' 
_struct.pdbx_formula_weight          ? 
_struct.pdbx_formula_weight_method   ? 
_struct.pdbx_model_type_details      ? 
_struct.pdbx_CASP_flag               N 
# 
_struct_keywords.entry_id        6UF7 
_struct_keywords.text            'cyclic peptide, centrosymmetric macrocycle, L- and D-amino acids, DE NOVO PROTEIN' 
_struct_keywords.pdbx_keywords   'DE NOVO PROTEIN' 
# 
loop_
_struct_asym.id 
_struct_asym.pdbx_blank_PDB_chainid_flag 
_struct_asym.pdbx_modified 
_struct_asym.entity_id 
_struct_asym.details 
A N N 1 ? 
B N N 2 ? 
# 
_struct_ref.id                         1 
_struct_ref.db_name                    PDB 
_struct_ref.db_code                    6UF7 
_struct_ref.pdbx_db_accession          6UF7 
_struct_ref.pdbx_db_isoform            ? 
_struct_ref.entity_id                  1 
_struct_ref.pdbx_seq_one_letter_code   ? 
_struct_ref.pdbx_align_begin           1 
# 
_struct_ref_seq.align_id                      1 
_struct_ref_seq.ref_id                        1 
_struct_ref_seq.pdbx_PDB_id_code              6UF7 
_struct_ref_seq.pdbx_strand_id                A 
_struct_ref_seq.seq_align_beg                 1 
_struct_ref_seq.pdbx_seq_align_beg_ins_code   ? 
_struct_ref_seq.seq_align_end                 10 
_struct_ref_seq.pdbx_seq_align_end_ins_code   ? 
_struct_ref_seq.pdbx_db_accession             6UF7 
_struct_ref_seq.db_align_beg                  -4 
_struct_ref_seq.pdbx_db_align_beg_ins_code    ? 
_struct_ref_seq.db_align_end                  5 
_struct_ref_seq.pdbx_db_align_end_ins_code    ? 
_struct_ref_seq.pdbx_auth_seq_align_beg       -4 
_struct_ref_seq.pdbx_auth_seq_align_end       5 
# 
_pdbx_struct_assembly.id                   1 
_pdbx_struct_assembly.details              author_defined_assembly 
_pdbx_struct_assembly.method_details       ? 
_pdbx_struct_assembly.oligomeric_details   dimeric 
_pdbx_struct_assembly.oligomeric_count     2 
# 
_pdbx_struct_assembly_gen.assembly_id       1 
_pdbx_struct_assembly_gen.oper_expression   1,2 
_pdbx_struct_assembly_gen.asym_id_list      A,B 
# 
_pdbx_struct_assembly_auth_evidence.id                     1 
_pdbx_struct_assembly_auth_evidence.assembly_id            1 
_pdbx_struct_assembly_auth_evidence.experimental_support   none 
_pdbx_struct_assembly_auth_evidence.details                ? 
# 
loop_
_pdbx_struct_oper_list.id 
_pdbx_struct_oper_list.type 
_pdbx_struct_oper_list.name 
_pdbx_struct_oper_list.symmetry_operation 
_pdbx_struct_oper_list.matrix[1][1] 
_pdbx_struct_oper_list.matrix[1][2] 
_pdbx_struct_oper_list.matrix[1][3] 
_pdbx_struct_oper_list.vector[1] 
_pdbx_struct_oper_list.matrix[2][1] 
_pdbx_struct_oper_list.matrix[2][2] 
_pdbx_struct_oper_list.matrix[2][3] 
_pdbx_struct_oper_list.vector[2] 
_pdbx_struct_oper_list.matrix[3][1] 
_pdbx_struct_oper_list.matrix[3][2] 
_pdbx_struct_oper_list.matrix[3][3] 
_pdbx_struct_oper_list.vector[3] 
1 'identity operation'         1_555 x,y,z          1.0000000000  0.0000000000 0.0000000000 0.0000000000  0.0000000000 1.0000000000  0.0000000000 0.0000000000 0.0000000000 0.0000000000 1.0000000000  0.0000000000 
2 'crystal symmetry operation' 3_666 -x+1,-y+1,-z+1 -1.0000000000 0.0000000000 0.0000000000 -5.6967154924 0.0000000000 -1.0000000000 0.0000000000 4.2656625460 0.0000000000 0.0000000000 -1.0000000000 1.5300879989 
# 
loop_
_struct_conn.id 
_struct_conn.conn_type_id 
_struct_conn.pdbx_leaving_atom_flag 
_struct_conn.pdbx_PDB_id 
_struct_conn.ptnr1_label_asym_id 
_struct_conn.ptnr1_label_comp_id 
_struct_conn.ptnr1_label_seq_id 
_struct_conn.ptnr1_label_atom_id 
_struct_conn.pdbx_ptnr1_label_alt_id 
_struct_conn.pdbx_ptnr1_PDB_ins_code 
_struct_conn.pdbx_ptnr1_standard_comp_id 
_struct_conn.ptnr1_symmetry 
_struct_conn.ptnr2_label_asym_id 
_struct_conn.ptnr2_label_comp_id 
_struct_conn.ptnr2_label_seq_id 
_struct_conn.ptnr2_label_atom_id 
_struct_conn.pdbx_ptnr2_label_alt_id 
_struct_conn.pdbx_ptnr2_PDB_ins_code 
_struct_conn.ptnr1_auth_asym_id 
_struct_conn.ptnr1_auth_comp_id 
_struct_conn.ptnr1_auth_seq_id 
_struct_conn.ptnr2_auth_asym_id 
_struct_conn.ptnr2_auth_comp_id 
_struct_conn.ptnr2_auth_seq_id 
_struct_conn.ptnr2_symmetry 
_struct_conn.pdbx_ptnr3_label_atom_id 
_struct_conn.pdbx_ptnr3_label_seq_id 
_struct_conn.pdbx_ptnr3_label_comp_id 
_struct_conn.pdbx_ptnr3_label_asym_id 
_struct_conn.pdbx_ptnr3_label_alt_id 
_struct_conn.pdbx_ptnr3_PDB_ins_code 
_struct_conn.details 
_struct_conn.pdbx_dist_value 
_struct_conn.pdbx_value_order 
_struct_conn.pdbx_role 
covale1 covale both ? A PRO 6 C ? ? ? 1_555 A DSN 7  N ? ? A PRO 1 A DSN 2 1_555 ? ? ? ? ? ? ? 1.350 ? ? 
covale2 covale both ? A PRO 6 N ? ? ? 1_555 A DAR 10 C ? ? A PRO 1 A DAR 5 3_666 ? ? ? ? ? ? ? 1.334 ? ? 
covale3 covale both ? A DSN 7 C ? ? ? 1_555 A DGL 8  N ? ? A DSN 2 A DGL 3 1_555 ? ? ? ? ? ? ? 1.339 ? ? 
covale4 covale both ? A DGL 8 C ? ? ? 1_555 A ILE 9  N ? ? A DGL 3 A ILE 4 1_555 ? ? ? ? ? ? ? 1.343 ? ? 
covale5 covale both ? A ILE 9 C ? ? ? 1_555 A DAR 10 N ? ? A ILE 4 A DAR 5 1_555 ? ? ? ? ? ? ? 1.339 ? ? 
# 
_struct_conn_type.id          covale 
_struct_conn_type.criteria    ? 
_struct_conn_type.reference   ? 
# 
_pdbx_modification_feature.ordinal                            1 
_pdbx_modification_feature.label_comp_id                      PRO 
_pdbx_modification_feature.label_asym_id                      A 
_pdbx_modification_feature.label_seq_id                       6 
_pdbx_modification_feature.label_alt_id                       ? 
_pdbx_modification_feature.modified_residue_label_comp_id     DAR 
_pdbx_modification_feature.modified_residue_label_asym_id     A 
_pdbx_modification_feature.modified_residue_label_seq_id      10 
_pdbx_modification_feature.modified_residue_label_alt_id      ? 
_pdbx_modification_feature.auth_comp_id                       PRO 
_pdbx_modification_feature.auth_asym_id                       A 
_pdbx_modification_feature.auth_seq_id                        1 
_pdbx_modification_feature.PDB_ins_code                       ? 
_pdbx_modification_feature.symmetry                           1_555 
_pdbx_modification_feature.modified_residue_auth_comp_id      DAR 
_pdbx_modification_feature.modified_residue_auth_asym_id      A 
_pdbx_modification_feature.modified_residue_auth_seq_id       5 
_pdbx_modification_feature.modified_residue_PDB_ins_code      ? 
_pdbx_modification_feature.modified_residue_symmetry          3_666 
_pdbx_modification_feature.comp_id_linking_atom               N 
_pdbx_modification_feature.modified_residue_id_linking_atom   C 
_pdbx_modification_feature.modified_residue_id                . 
_pdbx_modification_feature.ref_pcm_id                         . 
_pdbx_modification_feature.ref_comp_id                        . 
_pdbx_modification_feature.type                               None 
_pdbx_modification_feature.category                           'Non-standard linkage' 
# 
_pdbx_entry_details.entry_id                   6UF7 
_pdbx_entry_details.has_ligand_of_interest     N 
_pdbx_entry_details.compound_details           
'The asymmetric unit contains half of the molecule. The second half is generated by a crystallographic symmetry operator.' 
_pdbx_entry_details.source_details             ? 
_pdbx_entry_details.nonpolymer_details         ? 
_pdbx_entry_details.sequence_details           ? 
_pdbx_entry_details.has_protein_modification   Y 
# 
loop_
_space_group_symop.id 
_space_group_symop.operation_xyz 
1 x,y,z           
2 -x,y+1/2,-z+1/2 
3 -x,-y,-z        
4 x,-y-1/2,z-1/2  
# 
loop_
_pdbx_unobs_or_zero_occ_residues.id 
_pdbx_unobs_or_zero_occ_residues.PDB_model_num 
_pdbx_unobs_or_zero_occ_residues.polymer_flag 
_pdbx_unobs_or_zero_occ_residues.occupancy_flag 
_pdbx_unobs_or_zero_occ_residues.auth_asym_id 
_pdbx_unobs_or_zero_occ_residues.auth_comp_id 
_pdbx_unobs_or_zero_occ_residues.auth_seq_id 
_pdbx_unobs_or_zero_occ_residues.PDB_ins_code 
_pdbx_unobs_or_zero_occ_residues.label_asym_id 
_pdbx_unobs_or_zero_occ_residues.label_comp_id 
_pdbx_unobs_or_zero_occ_residues.label_seq_id 
1 1 Y 1 A DPR -4 ? A DPR 1 
2 1 Y 1 A SER -3 ? A SER 2 
3 1 Y 1 A GLU -2 ? A GLU 3 
4 1 Y 1 A DIL -1 ? A DIL 4 
5 1 Y 1 A ARG 0  ? A ARG 5 
# 
loop_
_chem_comp_atom.comp_id 
_chem_comp_atom.atom_id 
_chem_comp_atom.type_symbol 
_chem_comp_atom.pdbx_aromatic_flag 
_chem_comp_atom.pdbx_stereo_config 
_chem_comp_atom.pdbx_ordinal 
ARG N    N N N 1   
ARG CA   C N S 2   
ARG C    C N N 3   
ARG O    O N N 4   
ARG CB   C N N 5   
ARG CG   C N N 6   
ARG CD   C N N 7   
ARG NE   N N N 8   
ARG CZ   C N N 9   
ARG NH1  N N N 10  
ARG NH2  N N N 11  
ARG OXT  O N N 12  
ARG H    H N N 13  
ARG H2   H N N 14  
ARG HA   H N N 15  
ARG HB2  H N N 16  
ARG HB3  H N N 17  
ARG HG2  H N N 18  
ARG HG3  H N N 19  
ARG HD2  H N N 20  
ARG HD3  H N N 21  
ARG HE   H N N 22  
ARG HH11 H N N 23  
ARG HH12 H N N 24  
ARG HH21 H N N 25  
ARG HH22 H N N 26  
ARG HXT  H N N 27  
DAR N    N N N 28  
DAR CA   C N R 29  
DAR CB   C N N 30  
DAR CG   C N N 31  
DAR CD   C N N 32  
DAR NE   N N N 33  
DAR CZ   C N N 34  
DAR NH1  N N N 35  
DAR NH2  N N N 36  
DAR C    C N N 37  
DAR O    O N N 38  
DAR OXT  O N N 39  
DAR H    H N N 40  
DAR H2   H N N 41  
DAR HA   H N N 42  
DAR HB2  H N N 43  
DAR HB3  H N N 44  
DAR HG2  H N N 45  
DAR HG3  H N N 46  
DAR HD2  H N N 47  
DAR HD3  H N N 48  
DAR HE   H N N 49  
DAR HH11 H N N 50  
DAR HH12 H N N 51  
DAR HH21 H N N 52  
DAR HH22 H N N 53  
DAR HXT  H N N 54  
DGL N    N N N 55  
DGL CA   C N R 56  
DGL C    C N N 57  
DGL O    O N N 58  
DGL CB   C N N 59  
DGL CG   C N N 60  
DGL CD   C N N 61  
DGL OE1  O N N 62  
DGL OE2  O N N 63  
DGL OXT  O N N 64  
DGL H    H N N 65  
DGL H2   H N N 66  
DGL HA   H N N 67  
DGL HB2  H N N 68  
DGL HB3  H N N 69  
DGL HG2  H N N 70  
DGL HG3  H N N 71  
DGL HE2  H N N 72  
DGL HXT  H N N 73  
DIL N    N N N 74  
DIL CA   C N R 75  
DIL C    C N N 76  
DIL O    O N N 77  
DIL CB   C N R 78  
DIL CG1  C N N 79  
DIL CG2  C N N 80  
DIL CD1  C N N 81  
DIL OXT  O N N 82  
DIL H    H N N 83  
DIL H2   H N N 84  
DIL HA   H N N 85  
DIL HB   H N N 86  
DIL HG12 H N N 87  
DIL HG13 H N N 88  
DIL HG21 H N N 89  
DIL HG22 H N N 90  
DIL HG23 H N N 91  
DIL HD11 H N N 92  
DIL HD12 H N N 93  
DIL HD13 H N N 94  
DIL HXT  H N N 95  
DPR N    N N N 96  
DPR CA   C N R 97  
DPR CB   C N N 98  
DPR CG   C N N 99  
DPR CD   C N N 100 
DPR C    C N N 101 
DPR O    O N N 102 
DPR OXT  O N N 103 
DPR H    H N N 104 
DPR HA   H N N 105 
DPR HB2  H N N 106 
DPR HB3  H N N 107 
DPR HG2  H N N 108 
DPR HG3  H N N 109 
DPR HD2  H N N 110 
DPR HD3  H N N 111 
DPR HXT  H N N 112 
DSN N    N N N 113 
DSN CA   C N R 114 
DSN C    C N N 115 
DSN O    O N N 116 
DSN OXT  O N N 117 
DSN CB   C N N 118 
DSN OG   O N N 119 
DSN H    H N N 120 
DSN H2   H N N 121 
DSN HA   H N N 122 
DSN HXT  H N N 123 
DSN HB2  H N N 124 
DSN HB3  H N N 125 
DSN HG   H N N 126 
GLU N    N N N 127 
GLU CA   C N S 128 
GLU C    C N N 129 
GLU O    O N N 130 
GLU CB   C N N 131 
GLU CG   C N N 132 
GLU CD   C N N 133 
GLU OE1  O N N 134 
GLU OE2  O N N 135 
GLU OXT  O N N 136 
GLU H    H N N 137 
GLU H2   H N N 138 
GLU HA   H N N 139 
GLU HB2  H N N 140 
GLU HB3  H N N 141 
GLU HG2  H N N 142 
GLU HG3  H N N 143 
GLU HE2  H N N 144 
GLU HXT  H N N 145 
HOH O    O N N 146 
HOH H1   H N N 147 
HOH H2   H N N 148 
ILE N    N N N 149 
ILE CA   C N S 150 
ILE C    C N N 151 
ILE O    O N N 152 
ILE CB   C N S 153 
ILE CG1  C N N 154 
ILE CG2  C N N 155 
ILE CD1  C N N 156 
ILE OXT  O N N 157 
ILE H    H N N 158 
ILE H2   H N N 159 
ILE HA   H N N 160 
ILE HB   H N N 161 
ILE HG12 H N N 162 
ILE HG13 H N N 163 
ILE HG21 H N N 164 
ILE HG22 H N N 165 
ILE HG23 H N N 166 
ILE HD11 H N N 167 
ILE HD12 H N N 168 
ILE HD13 H N N 169 
ILE HXT  H N N 170 
PRO N    N N N 171 
PRO CA   C N S 172 
PRO C    C N N 173 
PRO O    O N N 174 
PRO CB   C N N 175 
PRO CG   C N N 176 
PRO CD   C N N 177 
PRO OXT  O N N 178 
PRO H    H N N 179 
PRO HA   H N N 180 
PRO HB2  H N N 181 
PRO HB3  H N N 182 
PRO HG2  H N N 183 
PRO HG3  H N N 184 
PRO HD2  H N N 185 
PRO HD3  H N N 186 
PRO HXT  H N N 187 
SER N    N N N 188 
SER CA   C N S 189 
SER C    C N N 190 
SER O    O N N 191 
SER CB   C N N 192 
SER OG   O N N 193 
SER OXT  O N N 194 
SER H    H N N 195 
SER H2   H N N 196 
SER HA   H N N 197 
SER HB2  H N N 198 
SER HB3  H N N 199 
SER HG   H N N 200 
SER HXT  H N N 201 
# 
loop_
_chem_comp_bond.comp_id 
_chem_comp_bond.atom_id_1 
_chem_comp_bond.atom_id_2 
_chem_comp_bond.value_order 
_chem_comp_bond.pdbx_aromatic_flag 
_chem_comp_bond.pdbx_stereo_config 
_chem_comp_bond.pdbx_ordinal 
ARG N   CA   sing N N 1   
ARG N   H    sing N N 2   
ARG N   H2   sing N N 3   
ARG CA  C    sing N N 4   
ARG CA  CB   sing N N 5   
ARG CA  HA   sing N N 6   
ARG C   O    doub N N 7   
ARG C   OXT  sing N N 8   
ARG CB  CG   sing N N 9   
ARG CB  HB2  sing N N 10  
ARG CB  HB3  sing N N 11  
ARG CG  CD   sing N N 12  
ARG CG  HG2  sing N N 13  
ARG CG  HG3  sing N N 14  
ARG CD  NE   sing N N 15  
ARG CD  HD2  sing N N 16  
ARG CD  HD3  sing N N 17  
ARG NE  CZ   sing N N 18  
ARG NE  HE   sing N N 19  
ARG CZ  NH1  sing N N 20  
ARG CZ  NH2  doub N N 21  
ARG NH1 HH11 sing N N 22  
ARG NH1 HH12 sing N N 23  
ARG NH2 HH21 sing N N 24  
ARG NH2 HH22 sing N N 25  
ARG OXT HXT  sing N N 26  
DAR N   CA   sing N N 27  
DAR N   H    sing N N 28  
DAR N   H2   sing N N 29  
DAR CA  CB   sing N N 30  
DAR CA  C    sing N N 31  
DAR CA  HA   sing N N 32  
DAR CB  CG   sing N N 33  
DAR CB  HB2  sing N N 34  
DAR CB  HB3  sing N N 35  
DAR CG  CD   sing N N 36  
DAR CG  HG2  sing N N 37  
DAR CG  HG3  sing N N 38  
DAR CD  NE   sing N N 39  
DAR CD  HD2  sing N N 40  
DAR CD  HD3  sing N N 41  
DAR NE  CZ   sing N N 42  
DAR NE  HE   sing N N 43  
DAR CZ  NH1  sing N N 44  
DAR CZ  NH2  doub N N 45  
DAR NH1 HH11 sing N N 46  
DAR NH1 HH12 sing N N 47  
DAR NH2 HH21 sing N N 48  
DAR NH2 HH22 sing N N 49  
DAR C   O    doub N N 50  
DAR C   OXT  sing N N 51  
DAR OXT HXT  sing N N 52  
DGL N   CA   sing N N 53  
DGL N   H    sing N N 54  
DGL N   H2   sing N N 55  
DGL CA  C    sing N N 56  
DGL CA  CB   sing N N 57  
DGL CA  HA   sing N N 58  
DGL C   O    doub N N 59  
DGL C   OXT  sing N N 60  
DGL CB  CG   sing N N 61  
DGL CB  HB2  sing N N 62  
DGL CB  HB3  sing N N 63  
DGL CG  CD   sing N N 64  
DGL CG  HG2  sing N N 65  
DGL CG  HG3  sing N N 66  
DGL CD  OE1  doub N N 67  
DGL CD  OE2  sing N N 68  
DGL OE2 HE2  sing N N 69  
DGL OXT HXT  sing N N 70  
DIL N   CA   sing N N 71  
DIL N   H    sing N N 72  
DIL N   H2   sing N N 73  
DIL CA  C    sing N N 74  
DIL CA  CB   sing N N 75  
DIL CA  HA   sing N N 76  
DIL C   O    doub N N 77  
DIL C   OXT  sing N N 78  
DIL CB  CG1  sing N N 79  
DIL CB  CG2  sing N N 80  
DIL CB  HB   sing N N 81  
DIL CG1 CD1  sing N N 82  
DIL CG1 HG12 sing N N 83  
DIL CG1 HG13 sing N N 84  
DIL CG2 HG21 sing N N 85  
DIL CG2 HG22 sing N N 86  
DIL CG2 HG23 sing N N 87  
DIL CD1 HD11 sing N N 88  
DIL CD1 HD12 sing N N 89  
DIL CD1 HD13 sing N N 90  
DIL OXT HXT  sing N N 91  
DPR N   CA   sing N N 92  
DPR N   CD   sing N N 93  
DPR N   H    sing N N 94  
DPR CA  CB   sing N N 95  
DPR CA  C    sing N N 96  
DPR CA  HA   sing N N 97  
DPR CB  CG   sing N N 98  
DPR CB  HB2  sing N N 99  
DPR CB  HB3  sing N N 100 
DPR CG  CD   sing N N 101 
DPR CG  HG2  sing N N 102 
DPR CG  HG3  sing N N 103 
DPR CD  HD2  sing N N 104 
DPR CD  HD3  sing N N 105 
DPR C   O    doub N N 106 
DPR C   OXT  sing N N 107 
DPR OXT HXT  sing N N 108 
DSN N   CA   sing N N 109 
DSN N   H    sing N N 110 
DSN N   H2   sing N N 111 
DSN CA  C    sing N N 112 
DSN CA  CB   sing N N 113 
DSN CA  HA   sing N N 114 
DSN C   O    doub N N 115 
DSN C   OXT  sing N N 116 
DSN OXT HXT  sing N N 117 
DSN CB  OG   sing N N 118 
DSN CB  HB2  sing N N 119 
DSN CB  HB3  sing N N 120 
DSN OG  HG   sing N N 121 
GLU N   CA   sing N N 122 
GLU N   H    sing N N 123 
GLU N   H2   sing N N 124 
GLU CA  C    sing N N 125 
GLU CA  CB   sing N N 126 
GLU CA  HA   sing N N 127 
GLU C   O    doub N N 128 
GLU C   OXT  sing N N 129 
GLU CB  CG   sing N N 130 
GLU CB  HB2  sing N N 131 
GLU CB  HB3  sing N N 132 
GLU CG  CD   sing N N 133 
GLU CG  HG2  sing N N 134 
GLU CG  HG3  sing N N 135 
GLU CD  OE1  doub N N 136 
GLU CD  OE2  sing N N 137 
GLU OE2 HE2  sing N N 138 
GLU OXT HXT  sing N N 139 
HOH O   H1   sing N N 140 
HOH O   H2   sing N N 141 
ILE N   CA   sing N N 142 
ILE N   H    sing N N 143 
ILE N   H2   sing N N 144 
ILE CA  C    sing N N 145 
ILE CA  CB   sing N N 146 
ILE CA  HA   sing N N 147 
ILE C   O    doub N N 148 
ILE C   OXT  sing N N 149 
ILE CB  CG1  sing N N 150 
ILE CB  CG2  sing N N 151 
ILE CB  HB   sing N N 152 
ILE CG1 CD1  sing N N 153 
ILE CG1 HG12 sing N N 154 
ILE CG1 HG13 sing N N 155 
ILE CG2 HG21 sing N N 156 
ILE CG2 HG22 sing N N 157 
ILE CG2 HG23 sing N N 158 
ILE CD1 HD11 sing N N 159 
ILE CD1 HD12 sing N N 160 
ILE CD1 HD13 sing N N 161 
ILE OXT HXT  sing N N 162 
PRO N   CA   sing N N 163 
PRO N   CD   sing N N 164 
PRO N   H    sing N N 165 
PRO CA  C    sing N N 166 
PRO CA  CB   sing N N 167 
PRO CA  HA   sing N N 168 
PRO C   O    doub N N 169 
PRO C   OXT  sing N N 170 
PRO CB  CG   sing N N 171 
PRO CB  HB2  sing N N 172 
PRO CB  HB3  sing N N 173 
PRO CG  CD   sing N N 174 
PRO CG  HG2  sing N N 175 
PRO CG  HG3  sing N N 176 
PRO CD  HD2  sing N N 177 
PRO CD  HD3  sing N N 178 
PRO OXT HXT  sing N N 179 
SER N   CA   sing N N 180 
SER N   H    sing N N 181 
SER N   H2   sing N N 182 
SER CA  C    sing N N 183 
SER CA  CB   sing N N 184 
SER CA  HA   sing N N 185 
SER C   O    doub N N 186 
SER C   OXT  sing N N 187 
SER CB  OG   sing N N 188 
SER CB  HB2  sing N N 189 
SER CB  HB3  sing N N 190 
SER OG  HG   sing N N 191 
SER OXT HXT  sing N N 192 
# 
loop_
_pdbx_audit_support.funding_organization 
_pdbx_audit_support.country 
_pdbx_audit_support.grant_number 
_pdbx_audit_support.ordinal 
'Department of Energy (DOE, United States)' 'United States' DE-FC02-02ER63421 1 
'Department of Energy (DOE, United States)' 'United States' DE-AC02-06CH11357 2 
# 
_space_group.name_H-M_alt     'P 1 21/c 1' 
_space_group.name_Hall        '-P 2ybc' 
_space_group.IT_number        14 
_space_group.crystal_system   monoclinic 
_space_group.id               1 
# 
_atom_sites.entry_id                    6UF7 
_atom_sites.Cartn_transf_matrix[1][1]   ? 
_atom_sites.Cartn_transf_matrix[1][2]   ? 
_atom_sites.Cartn_transf_matrix[1][3]   ? 
_atom_sites.Cartn_transf_matrix[2][1]   ? 
_atom_sites.Cartn_transf_matrix[2][2]   ? 
_atom_sites.Cartn_transf_matrix[2][3]   ? 
_atom_sites.Cartn_transf_matrix[3][1]   ? 
_atom_sites.Cartn_transf_matrix[3][2]   ? 
_atom_sites.Cartn_transf_matrix[3][3]   ? 
_atom_sites.Cartn_transf_vector[1]      ? 
_atom_sites.Cartn_transf_vector[2]      ? 
_atom_sites.Cartn_transf_vector[3]      ? 
_atom_sites.fract_transf_matrix[1][1]   0.00408182 
_atom_sites.fract_transf_matrix[1][2]   -0.08120744 
_atom_sites.fract_transf_matrix[1][3]   -0.03943742 
_atom_sites.fract_transf_matrix[2][1]   -0.02213039 
_atom_sites.fract_transf_matrix[2][2]   0.03769097 
_atom_sites.fract_transf_matrix[2][3]   -0.07990177 
_atom_sites.fract_transf_matrix[3][1]   0.03876066 
_atom_sites.fract_transf_matrix[3][2]   -0.01063088 
_atom_sites.fract_transf_matrix[3][3]   -0.01575030 
_atom_sites.fract_transf_vector[1]      0.714998 
_atom_sites.fract_transf_vector[2]      0.417706 
_atom_sites.fract_transf_vector[3]      0.645128 
_atom_sites.solution_primary            ? 
_atom_sites.solution_secondary          ? 
_atom_sites.solution_hydrogens          ? 
_atom_sites.special_details             ? 
# 
loop_
_atom_type.symbol 
_atom_type.scat_dispersion_real 
_atom_type.scat_dispersion_imag 
_atom_type.scat_Cromer_Mann_a1 
_atom_type.scat_Cromer_Mann_a2 
_atom_type.scat_Cromer_Mann_a3 
_atom_type.scat_Cromer_Mann_a4 
_atom_type.scat_Cromer_Mann_b1 
_atom_type.scat_Cromer_Mann_b2 
_atom_type.scat_Cromer_Mann_b3 
_atom_type.scat_Cromer_Mann_b4 
_atom_type.scat_Cromer_Mann_c 
_atom_type.scat_source 
_atom_type.scat_dispersion_source 
C ? ? 2.51340 1.74867 1.72398 ? 31.80534 0.44561  10.58317 ? 0.0 
;3-Gaussian fit: Grosse-Kunstleve RW, Sauter NK, Adams PD: Newsletter of the IUCr Commission on Crystallographic Computing 2004, 3, 22-31.
;
? 
H ? ? 0.53795 0.34799 0.11320 ? 10.08003 29.74760 2.57510  ? 0.0 
;3-Gaussian fit: Grosse-Kunstleve RW, Sauter NK, Adams PD: Newsletter of the IUCr Commission on Crystallographic Computing 2004, 3, 22-31.
;
? 
N ? ? 2.99955 2.25584 1.72788 ? 23.27268 7.45433  0.31622  ? 0.0 
;3-Gaussian fit: Grosse-Kunstleve RW, Sauter NK, Adams PD: Newsletter of the IUCr Commission on Crystallographic Computing 2004, 3, 22-31.
;
? 
O ? ? 3.21184 3.04156 1.73156 ? 18.83700 5.90590  0.24126  ? 0.0 
;3-Gaussian fit: Grosse-Kunstleve RW, Sauter NK, Adams PD: Newsletter of the IUCr Commission on Crystallographic Computing 2004, 3, 22-31.
;
? 
# 
loop_
_atom_site.group_PDB 
_atom_site.id 
_atom_site.type_symbol 
_atom_site.label_atom_id 
_atom_site.label_alt_id 
_atom_site.label_comp_id 
_atom_site.label_asym_id 
_atom_site.label_entity_id 
_atom_site.label_seq_id 
_atom_site.pdbx_PDB_ins_code 
_atom_site.Cartn_x 
_atom_site.Cartn_y 
_atom_site.Cartn_z 
_atom_site.occupancy 
_atom_site.B_iso_or_equiv 
_atom_site.pdbx_formal_charge 
_atom_site.auth_seq_id 
_atom_site.auth_comp_id 
_atom_site.auth_asym_id 
_atom_site.auth_atom_id 
_atom_site.pdbx_PDB_model_num 
ATOM   1  N N    . PRO A 1 6  ? 0.43068  4.22072  -0.39498 1.000 1.43253 ? 1   PRO A N    1 
ATOM   2  C CA   . PRO A 1 6  ? 1.10834  3.38058  -1.37792 1.000 1.36837 ? 1   PRO A CA   1 
ATOM   3  C C    . PRO A 1 6  ? 1.87759  2.22810  -0.74061 1.000 1.26001 ? 1   PRO A C    1 
ATOM   4  O O    . PRO A 1 6  ? 2.20527  2.19995  0.44109  1.000 1.74176 ? 1   PRO A O    1 
ATOM   5  C CB   . PRO A 1 6  ? 2.09887  4.35498  -2.03725 1.000 1.81482 ? 1   PRO A CB   1 
ATOM   6  C CG   . PRO A 1 6  ? 2.43243  5.31881  -0.90217 1.000 1.84772 ? 1   PRO A CG   1 
ATOM   7  C CD   . PRO A 1 6  ? 1.07876  5.53900  -0.23531 1.000 1.73094 ? 1   PRO A CD   1 
ATOM   8  H HA   . PRO A 1 6  ? 0.46930  3.04135  -2.03915 1.000 1.51655 ? 1   PRO A HA   1 
ATOM   9  H HB2  . PRO A 1 6  ? 2.89205  3.89176  -2.34893 1.000 2.84084 ? 1   PRO A HB2  1 
ATOM   10 H HB3  . PRO A 1 6  ? 1.68811  4.81989  -2.78360 1.000 3.21275 ? 1   PRO A HB3  1 
ATOM   11 H HG2  . PRO A 1 6  ? 3.06801  4.92504  -0.28369 1.000 2.20957 ? 1   PRO A HG2  1 
ATOM   12 H HG3  . PRO A 1 6  ? 2.79480  6.15114  -1.24367 1.000 2.52586 ? 1   PRO A HG3  1 
ATOM   13 H HD2  . PRO A 1 6  ? 1.18086  5.77005  0.70142  1.000 2.45630 ? 1   PRO A HD2  1 
ATOM   14 H HD3  . PRO A 1 6  ? 0.57480  6.23678  -0.68300 1.000 2.24113 ? 1   PRO A HD3  1 
HETATM 15 N N    . DSN A 1 7  ? 2.23724  1.29043  -1.64272 1.000 1.34464 ? 2   DSN A N    1 
HETATM 16 C CA   . DSN A 1 7  ? 3.23546  0.28373  -1.33517 1.000 1.35940 ? 2   DSN A CA   1 
HETATM 17 C C    . DSN A 1 7  ? 2.68221  -1.04721 -0.83634 1.000 1.41770 ? 2   DSN A C    1 
HETATM 18 O O    . DSN A 1 7  ? 3.45595  -1.89954 -0.40975 1.000 2.09588 ? 2   DSN A O    1 
HETATM 19 C CB   . DSN A 1 7  ? 4.13304  0.02515  -2.55036 1.000 1.67446 ? 2   DSN A CB   1 
HETATM 20 O OG   . DSN A 1 7  ? 4.95431  1.14997  -2.82057 1.000 1.94536 ? 2   DSN A OG   1 
HETATM 21 H H    . DSN A 1 7  ? 1.86613  1.28925  -2.41817 1.000 2.83712 ? 2   DSN A H    1 
HETATM 22 H HA   . DSN A 1 7  ? 3.80520  0.64716  -0.62509 1.000 2.15956 ? 2   DSN A HA   1 
HETATM 23 H HB2  . DSN A 1 7  ? 3.58190  -0.16681 -3.32491 1.000 2.12393 ? 2   DSN A HB2  1 
HETATM 24 H HB3  . DSN A 1 7  ? 4.69144  -0.74975 -2.37982 1.000 1.94573 ? 2   DSN A HB3  1 
HETATM 25 H HG   . DSN A 1 7  ? 4.57255  1.64465  -3.35119 1.000 3.00834 ? 2   DSN A HG   1 
HETATM 26 N N    . DGL A 1 8  ? 1.35271  -1.19942 -0.88642 1.000 1.42719 ? 3   DGL A N    1 
HETATM 27 C CA   . DGL A 1 8  ? 0.72016  -2.42648 -0.42263 1.000 1.38131 ? 3   DGL A CA   1 
HETATM 28 C C    . DGL A 1 8  ? -0.12137 -2.18375 0.82884  1.000 1.38503 ? 3   DGL A C    1 
HETATM 29 O O    . DGL A 1 8  ? -0.81383 -3.08383 1.31642  1.000 1.64808 ? 3   DGL A O    1 
HETATM 30 C CB   . DGL A 1 8  ? -0.07287 -3.08499 -1.55429 1.000 1.53317 ? 3   DGL A CB   1 
HETATM 31 C CG   . DGL A 1 8  ? 0.87023  -3.77336 -2.54827 1.000 1.61527 ? 3   DGL A CG   1 
HETATM 32 C CD   . DGL A 1 8  ? 1.58062  -4.95557 -1.87676 1.000 1.60115 ? 3   DGL A CD   1 
HETATM 33 O OE1  . DGL A 1 8  ? 0.83534  -5.85453 -1.39111 1.000 1.98311 ? 3   DGL A OE1  1 
HETATM 34 O OE2  . DGL A 1 8  ? 2.82738  -4.94585 -1.81627 1.000 2.07554 ? 3   DGL A OE2  1 
HETATM 35 H H    . DGL A 1 8  ? 0.86541  -0.56316 -1.19677 1.000 1.88838 ? 3   DGL A H    1 
HETATM 36 H HA   . DGL A 1 8  ? 1.43800  -3.04509 -0.17350 1.000 2.51541 ? 3   DGL A HA   1 
HETATM 37 H HB2  . DGL A 1 8  ? -0.59639 -2.41263 -2.01653 1.000 2.05894 ? 3   DGL A HB2  1 
HETATM 38 H HB3  . DGL A 1 8  ? -0.68460 -3.73947 -1.18180 1.000 1.92360 ? 3   DGL A HB3  1 
HETATM 39 H HG2  . DGL A 1 8  ? 0.36281  -4.09025 -3.31178 1.000 2.43999 ? 3   DGL A HG2  1 
HETATM 40 H HG3  . DGL A 1 8  ? 1.52884  -3.13707 -2.86710 1.000 2.11612 ? 3   DGL A HG3  1 
ATOM   41 N N    . ILE A 1 9  ? -0.05136 -0.96610 1.39067  1.000 1.45065 ? 4   ILE A N    1 
ATOM   42 C CA   . ILE A 1 9  ? -0.89537 -0.62459 2.53099  1.000 1.46100 ? 4   ILE A CA   1 
ATOM   43 C C    . ILE A 1 9  ? -2.36154 -0.86539 2.18518  1.000 1.41056 ? 4   ILE A C    1 
ATOM   44 O O    . ILE A 1 9  ? -3.14879 -1.32237 3.01746  1.000 1.78571 ? 4   ILE A O    1 
ATOM   45 C CB   . ILE A 1 9  ? -0.63646 0.83524  2.95299  1.000 1.78850 ? 4   ILE A CB   1 
ATOM   46 C CG1  . ILE A 1 9  ? 0.82557  1.04482  3.39465  1.000 2.37545 ? 4   ILE A CG1  1 
ATOM   47 C CG2  . ILE A 1 9  ? -1.62571 1.26377  4.03894  1.000 2.21090 ? 4   ILE A CG2  1 
ATOM   48 C CD1  . ILE A 1 9  ? 1.27702  0.23236  4.60181  1.000 2.86555 ? 4   ILE A CD1  1 
ATOM   49 H H    . ILE A 1 9  ? 0.49631  -0.38139 1.07483  1.000 2.52923 ? 4   ILE A H    1 
ATOM   50 H HA   . ILE A 1 9  ? -0.65392 -1.20971 3.27893  1.000 2.47444 ? 4   ILE A HA   1 
ATOM   51 H HB   . ILE A 1 9  ? -0.79277 1.40196  2.16937  1.000 2.55644 ? 4   ILE A HB   1 
ATOM   52 H HG12 . ILE A 1 9  ? 1.40411  0.82657  2.64703  1.000 3.13842 ? 4   ILE A HG12 1 
ATOM   53 H HG13 . ILE A 1 9  ? 0.95140  1.98511  3.59590  1.000 3.91118 ? 4   ILE A HG13 1 
ATOM   54 H HG21 A ILE A 1 9  ? -2.52273 1.11974  3.72932  0.800 3.71258 ? 4   ILE A HG21 1 
ATOM   55 H HG21 B ILE A 1 9  ? -2.45058 1.53635  3.63116  0.200 1.35750 ? 4   ILE A HG21 1 
ATOM   56 H HG22 A ILE A 1 9  ? -1.47400 0.74680  4.83248  0.800 2.61075 ? 4   ILE A HG22 1 
ATOM   57 H HG22 B ILE A 1 9  ? -1.78961 0.52711  4.63162  0.200 0.00008 ? 4   ILE A HG22 1 
ATOM   58 H HG23 A ILE A 1 9  ? -1.50072 2.19584  4.23541  0.800 4.31796 ? 4   ILE A HG23 1 
ATOM   59 H HG23 B ILE A 1 9  ? -1.25677 1.99809  4.53619  0.200 1.54458 ? 4   ILE A HG23 1 
ATOM   60 H HD11 . ILE A 1 9  ? 2.19504  0.43246  4.79643  1.000 3.42110 ? 4   ILE A HD11 1 
ATOM   61 H HD12 . ILE A 1 9  ? 0.73265  0.45753  5.36034  1.000 3.86673 ? 4   ILE A HD12 1 
ATOM   62 H HD13 . ILE A 1 9  ? 1.18642  -0.70326 4.41011  1.000 4.55284 ? 4   ILE A HD13 1 
HETATM 63 N N    . DAR A 1 10 ? -2.75692 -0.52797 0.95154  1.000 1.53810 ? 5   DAR A N    1 
HETATM 64 C CA   . DAR A 1 10 ? -4.16858 -0.61324 0.60473  1.000 1.42631 ? 5   DAR A CA   1 
HETATM 65 C CB   . DAR A 1 10 ? -4.34947 -0.35235 -0.89083 1.000 1.50430 ? 5   DAR A CB   1 
HETATM 66 C CG   . DAR A 1 10 ? -3.83992 -1.51340 -1.73922 1.000 1.54141 ? 5   DAR A CG   1 
HETATM 67 C CD   . DAR A 1 10 ? -3.59228 -1.12784 -3.18523 1.000 1.61691 ? 5   DAR A CD   1 
HETATM 68 N NE   . DAR A 1 10 ? -4.81062 -0.57667 -3.78462 1.000 1.54835 ? 5   DAR A NE   1 
HETATM 69 C CZ   . DAR A 1 10 ? -4.81436 0.23488  -4.82670 1.000 1.42898 ? 5   DAR A CZ   1 
HETATM 70 N NH1  . DAR A 1 10 ? -3.68020 0.62089  -5.41239 1.000 1.68321 ? 5   DAR A NH1  1 
HETATM 71 N NH2  . DAR A 1 10 ? -5.98810 0.67437  -5.31217 1.000 1.91931 ? 5   DAR A NH2  1 
HETATM 72 C C    . DAR A 1 10 ? -4.93868 0.41147  1.44388  1.000 1.36756 ? 5   DAR A C    1 
HETATM 73 O O    . DAR A 1 10 ? -4.45480 1.52786  1.64270  1.000 1.79339 ? 5   DAR A O    1 
HETATM 74 H H    . DAR A 1 10 ? -2.18179 -0.26369 0.36865  1.000 3.50999 ? 5   DAR A H    1 
HETATM 75 H HA   . DAR A 1 10 ? -4.49731 -1.51139 0.81581  1.000 1.10870 ? 5   DAR A HA   1 
HETATM 76 H HB2  . DAR A 1 10 ? -3.87054 0.45576  -1.13469 1.000 1.68125 ? 5   DAR A HB2  1 
HETATM 77 H HB3  . DAR A 1 10 ? -5.29068 -0.20855 -1.07865 1.000 3.12127 ? 5   DAR A HB3  1 
HETATM 78 H HG2  . DAR A 1 10 ? -4.48938 -2.23382 -1.71110 1.000 2.78264 ? 5   DAR A HG2  1 
HETATM 79 H HG3  . DAR A 1 10 ? -3.01328 -1.84551 -1.35544 1.000 2.22838 ? 5   DAR A HG3  1 
HETATM 80 H HD2  . DAR A 1 10 ? -3.30944 -1.90921 -3.68572 1.000 2.01610 ? 5   DAR A HD2  1 
HETATM 81 H HD3  . DAR A 1 10 ? -2.88237 -0.46820 -3.22913 1.000 2.65929 ? 5   DAR A HD3  1 
HETATM 82 H HE   . DAR A 1 10 ? -5.56635 -0.79342 -3.43705 1.000 2.66646 ? 5   DAR A HE   1 
HETATM 83 H HH11 . DAR A 1 10 ? -2.92429 0.34120  -5.11196 1.000 4.76072 ? 5   DAR A HH11 1 
HETATM 84 H HH12 . DAR A 1 10 ? -3.70435 1.15027  -6.08951 1.000 3.37484 ? 5   DAR A HH12 1 
HETATM 85 H HH21 . DAR A 1 10 ? -6.72556 0.42579  -4.94477 1.000 3.64515 ? 5   DAR A HH21 1 
HETATM 86 H HH22 . DAR A 1 10 ? -6.00205 1.20221  -5.99056 1.000 3.71401 ? 5   DAR A HH22 1 
HETATM 87 O O    . HOH B 2 .  ? -4.78023 3.82860  3.05750  1.000 1.95825 ? 101 HOH A O    1 
HETATM 88 H H1   . HOH B 2 .  ? -4.84149 3.67126  3.89274  1.000 3.20810 ? 101 HOH A H1   1 
HETATM 89 H H2   . HOH B 2 .  ? -4.74825 3.03141  2.72047  1.000 4.20150 ? 101 HOH A H2   1 
HETATM 90 O O    . HOH B 2 .  ? 3.61242  2.56958  -4.79527 1.000 2.12612 ? 102 HOH A O    1 
HETATM 91 H H1   . HOH B 2 .  ? 3.64705  3.42654  -4.85541 1.000 5.65080 ? 102 HOH A H1   1 
HETATM 92 H H2   . HOH B 2 .  ? 2.75712  2.39473  -4.75940 1.000 3.95907 ? 102 HOH A H2   1 
HETATM 93 O O    . HOH B 2 .  ? -7.05487 -1.91184 -2.50826 1.000 2.46538 ? 103 HOH A O    1 
HETATM 94 H H1   . HOH B 2 .  ? -7.48266 -1.27528 -2.09405 1.000 5.15982 ? 103 HOH A H1   1 
HETATM 95 H H2   . HOH B 2 .  ? -7.73365 -2.27880 -2.91965 1.000 4.50882 ? 103 HOH A H2   1 
# 
loop_
_atom_site_anisotrop.id 
_atom_site_anisotrop.type_symbol 
_atom_site_anisotrop.pdbx_label_atom_id 
_atom_site_anisotrop.pdbx_label_alt_id 
_atom_site_anisotrop.pdbx_label_comp_id 
_atom_site_anisotrop.pdbx_label_asym_id 
_atom_site_anisotrop.pdbx_label_seq_id 
_atom_site_anisotrop.pdbx_PDB_ins_code 
_atom_site_anisotrop.U[1][1] 
_atom_site_anisotrop.U[2][2] 
_atom_site_anisotrop.U[3][3] 
_atom_site_anisotrop.U[1][2] 
_atom_site_anisotrop.U[1][3] 
_atom_site_anisotrop.U[2][3] 
_atom_site_anisotrop.pdbx_auth_seq_id 
_atom_site_anisotrop.pdbx_auth_comp_id 
_atom_site_anisotrop.pdbx_auth_asym_id 
_atom_site_anisotrop.pdbx_auth_atom_id 
1  N N   . PRO A 6  ? 0.01997 0.01729 0.01717 0.00374  0.00314  0.00048  1   PRO A N   
2  C CA  . PRO A 6  ? 0.01936 0.01718 0.01545 0.00343  0.00350  0.00023  1   PRO A CA  
3  C C   . PRO A 6  ? 0.01433 0.01644 0.01711 0.00031  0.00311  0.00025  1   PRO A C   
4  O O   . PRO A 6  ? 0.02392 0.02616 0.01610 0.00702  -0.00036 -0.00113 1   PRO A O   
5  C CB  . PRO A 6  ? 0.02709 0.02126 0.02060 0.00054  0.00692  0.00493  1   PRO A CB  
6  C CG  . PRO A 6  ? 0.02507 0.02193 0.02322 -0.00158 0.00444  0.00302  1   PRO A CG  
7  C CD  . PRO A 6  ? 0.02493 0.01824 0.02259 0.00129  0.00145  -0.00075 1   PRO A CD  
15 N N   . DSN A 7  ? 0.01775 0.01673 0.01661 0.00119  -0.00027 -0.00093 2   DSN A N   
16 C CA  . DSN A 7  ? 0.01576 0.01573 0.02016 0.00058  0.00028  -0.00060 2   DSN A CA  
17 C C   . DSN A 7  ? 0.01838 0.01676 0.01873 0.00124  0.00022  -0.00137 2   DSN A C   
18 O O   . DSN A 7  ? 0.01979 0.01970 0.04014 0.00406  -0.00287 0.00314  2   DSN A O   
19 C CB  . DSN A 7  ? 0.01904 0.02096 0.02362 -0.00027 0.00391  -0.00309 2   DSN A CB  
20 O OG  . DSN A 7  ? 0.01950 0.02632 0.02809 -0.00167 0.00147  0.00483  2   DSN A OG  
26 N N   . DGL A 8  ? 0.01808 0.01482 0.02133 0.00097  0.00132  0.00262  3   DGL A N   
27 C CA  . DGL A 8  ? 0.01777 0.01493 0.01977 0.00074  0.00190  0.00131  3   DGL A CA  
28 C C   . DGL A 8  ? 0.01749 0.01689 0.01824 0.00267  -0.00206 0.00194  3   DGL A C   
29 O O   . DGL A 8  ? 0.02412 0.01812 0.02038 -0.00085 0.00311  0.00222  3   DGL A O   
30 C CB  . DGL A 8  ? 0.01816 0.01877 0.02133 -0.00034 0.00017  0.00057  3   DGL A CB  
31 C CG  . DGL A 8  ? 0.02331 0.02027 0.01780 -0.00118 0.00237  0.00078  3   DGL A CG  
32 C CD  . DGL A 8  ? 0.02374 0.01936 0.01773 -0.00054 0.00254  -0.00271 3   DGL A CD  
33 O OE1 . DGL A 8  ? 0.02473 0.02028 0.03034 -0.00140 0.00149  0.00639  3   DGL A OE1 
34 O OE2 . DGL A 8  ? 0.02155 0.02597 0.03134 0.00062  0.00135  0.00218  3   DGL A OE2 
41 N N   . ILE A 9  ? 0.02112 0.01606 0.01793 0.00071  0.00138  0.00011  4   ILE A N   
42 C CA  . ILE A 9  ? 0.02481 0.01628 0.01443 0.00267  0.00064  0.00112  4   ILE A CA  
43 C C   . ILE A 9  ? 0.02382 0.01467 0.01512 0.00538  0.00201  0.00040  4   ILE A C   
44 O O   . ILE A 9  ? 0.02676 0.02420 0.01690 0.00152  0.00324  0.00484  4   ILE A O   
45 C CB  . ILE A 9  ? 0.03736 0.01541 0.01519 -0.00090 0.00058  0.00178  4   ILE A CB  
46 C CG1 . ILE A 9  ? 0.03896 0.02761 0.02368 -0.01047 0.00141  -0.00398 4   ILE A CG1 
47 C CG2 . ILE A 9  ? 0.04576 0.01859 0.01965 0.00591  0.00241  -0.00144 4   ILE A CG2 
48 C CD1 . ILE A 9  ? 0.03778 0.03265 0.03845 -0.00212 -0.00861 -0.00108 4   ILE A CD1 
63 N N   . DAR A 10 ? 0.01856 0.02393 0.01594 0.00469  0.00227  0.00565  5   DAR A N   
64 C CA  . DAR A 10 ? 0.01779 0.02170 0.01470 0.00598  0.00153  0.00311  5   DAR A CA  
65 C CB  . DAR A 10 ? 0.02036 0.02153 0.01527 0.00645  0.00149  0.00227  5   DAR A CB  
66 C CG  . DAR A 10 ? 0.02236 0.01982 0.01639 0.00512  0.00258  0.00258  5   DAR A CG  
67 C CD  . DAR A 10 ? 0.01913 0.02507 0.01724 0.00309  0.00270  0.00187  5   DAR A CD  
68 N NE  . DAR A 10 ? 0.01974 0.02284 0.01625 -0.00116 0.00135  0.00369  5   DAR A NE  
69 C CZ  . DAR A 10 ? 0.02203 0.01746 0.01481 0.00012  0.00026  -0.00149 5   DAR A CZ  
70 N NH1 . DAR A 10 ? 0.02374 0.02329 0.01693 0.00142  0.00270  0.00491  5   DAR A NH1 
71 N NH2 . DAR A 10 ? 0.02227 0.02740 0.02326 -0.00114 -0.00233 0.00776  5   DAR A NH2 
72 C C   . DAR A 10 ? 0.01830 0.01977 0.01388 0.00543  0.00094  0.00309  5   DAR A C   
73 O O   . DAR A 10 ? 0.02296 0.02219 0.02299 0.00145  0.00521  0.00059  5   DAR A O   
87 O O   . HOH B .  ? 0.02615 0.02248 0.02578 0.00028  -0.00154 0.00086  101 HOH A O   
90 O O   . HOH B .  ? 0.02922 0.02413 0.02744 0.00117  -0.00119 0.00038  102 HOH A O   
93 O O   . HOH B .  ? 0.03261 0.02985 0.03121 -0.00056 -0.00068 0.00072  103 HOH A O   
# 
